data_7HOJ
#
_entry.id   7HOJ
#
_cell.length_a   42.686
_cell.length_b   42.686
_cell.length_c   216.886
_cell.angle_alpha   90.00
_cell.angle_beta   90.00
_cell.angle_gamma   90.00
#
_symmetry.space_group_name_H-M   'P 43 2 2'
#
loop_
_entity.id
_entity.type
_entity.pdbx_description
1 polymer 'Serine protease subunit NS2B'
2 polymer 'Serine protease NS3'
3 non-polymer 'DIMETHYL SULFOXIDE'
4 non-polymer 3-bromanyl-1-methyl-pyridine
5 water water
#
loop_
_entity_poly.entity_id
_entity_poly.type
_entity_poly.pdbx_seq_one_letter_code
_entity_poly.pdbx_strand_id
1 'polypeptide(L)' SMGKSVDMYIERAGDITWEKDAEVTGNSPRLDVALDESGDFSLVEE A
2 'polypeptide(L)'
;MKEVKKGETTDGVYRVMTRRLLGSTQVGVGVMQEGVFHTMWHVTKGAALRSGEGRLDPYWGDVKQDLVSYCGPWKLDAAW
DGLSEVQLLAVPPGERAKNIQTLPGIFKTKDGDIGAVALDYPAGTSGSPILDKCGRVIGLYGNGVVIKNGSYVSAITQGK
REEETPVE
;
B
#
loop_
_chem_comp.id
_chem_comp.type
_chem_comp.name
_chem_comp.formula
A1BG6 non-polymer 3-bromanyl-1-methyl-pyridine 'C6 H7 Br N 1'
DMS non-polymer 'DIMETHYL SULFOXIDE' 'C2 H6 O S'
#
# COMPACT_ATOMS: atom_id res chain seq x y z
N ASP A 7 13.71 -0.96 -16.03
CA ASP A 7 12.38 -0.97 -16.64
C ASP A 7 11.40 -1.81 -15.80
N MET A 8 10.35 -1.17 -15.39
CA MET A 8 9.39 -1.78 -14.50
C MET A 8 8.15 -2.29 -15.18
N TYR A 9 7.63 -3.45 -14.72
CA TYR A 9 6.46 -4.06 -15.33
C TYR A 9 5.54 -4.62 -14.27
N ILE A 10 4.23 -4.74 -14.59
CA ILE A 10 3.28 -5.26 -13.57
C ILE A 10 2.73 -6.63 -14.01
N GLU A 11 2.37 -7.46 -13.01
CA GLU A 11 1.85 -8.81 -13.24
C GLU A 11 0.71 -9.02 -12.27
N ARG A 12 -0.44 -9.50 -12.77
CA ARG A 12 -1.60 -9.69 -11.87
C ARG A 12 -1.29 -10.71 -10.77
N ALA A 13 -1.70 -10.40 -9.50
CA ALA A 13 -1.49 -11.32 -8.38
C ALA A 13 -2.82 -11.80 -7.76
N GLY A 14 -3.93 -11.14 -8.04
CA GLY A 14 -5.21 -11.59 -7.51
C GLY A 14 -6.34 -10.60 -7.52
N ASP A 15 -7.48 -11.03 -7.01
CA ASP A 15 -8.65 -10.20 -6.86
C ASP A 15 -8.57 -9.50 -5.52
N ILE A 16 -9.27 -8.39 -5.41
CA ILE A 16 -9.34 -7.68 -4.12
C ILE A 16 -10.69 -7.99 -3.46
N THR A 17 -10.66 -8.89 -2.48
N THR A 17 -10.66 -8.89 -2.48
CA THR A 17 -11.87 -9.32 -1.78
CA THR A 17 -11.87 -9.32 -1.78
C THR A 17 -11.55 -9.61 -0.33
C THR A 17 -11.55 -9.61 -0.33
N TRP A 18 -12.55 -9.45 0.56
CA TRP A 18 -12.37 -9.79 1.98
C TRP A 18 -12.45 -11.33 2.11
N GLU A 19 -11.56 -11.97 2.91
CA GLU A 19 -11.60 -13.44 3.05
C GLU A 19 -12.24 -13.74 4.37
N LYS A 20 -13.31 -14.55 4.39
CA LYS A 20 -13.95 -14.92 5.65
C LYS A 20 -13.00 -15.92 6.32
N ASP A 21 -12.75 -15.75 7.62
CA ASP A 21 -11.85 -16.63 8.37
C ASP A 21 -10.41 -16.55 7.85
N ALA A 22 -9.91 -15.32 7.61
CA ALA A 22 -8.51 -15.12 7.26
C ALA A 22 -7.72 -15.25 8.59
N GLU A 23 -6.38 -15.40 8.54
CA GLU A 23 -5.56 -15.48 9.75
C GLU A 23 -5.61 -14.09 10.43
N VAL A 24 -5.91 -14.05 11.73
CA VAL A 24 -6.08 -12.80 12.48
C VAL A 24 -4.88 -12.53 13.41
N THR A 25 -4.11 -11.43 13.15
CA THR A 25 -2.94 -11.13 13.99
C THR A 25 -2.57 -9.62 14.00
N GLY A 26 -1.53 -9.24 14.73
CA GLY A 26 -1.09 -7.86 14.79
C GLY A 26 -1.71 -7.16 15.98
N ASN A 27 -0.96 -6.25 16.60
CA ASN A 27 -1.50 -5.48 17.69
C ASN A 27 -2.00 -4.12 17.15
N SER A 28 -2.43 -3.20 18.04
CA SER A 28 -2.98 -1.90 17.60
C SER A 28 -2.34 -0.74 18.39
N PRO A 29 -1.08 -0.40 18.06
CA PRO A 29 -0.39 0.61 18.86
C PRO A 29 -0.87 2.02 18.58
N ARG A 30 -0.91 2.85 19.62
CA ARG A 30 -1.27 4.26 19.45
C ARG A 30 0.04 5.07 19.58
N LEU A 31 0.50 5.66 18.47
CA LEU A 31 1.80 6.32 18.43
C LEU A 31 1.74 7.77 18.04
N ASP A 32 2.56 8.61 18.69
CA ASP A 32 2.69 10.00 18.32
C ASP A 32 3.78 10.02 17.23
N VAL A 33 3.44 10.53 16.03
CA VAL A 33 4.39 10.52 14.94
C VAL A 33 4.45 11.87 14.22
N ALA A 34 5.55 12.11 13.48
CA ALA A 34 5.75 13.30 12.68
C ALA A 34 6.00 12.85 11.24
N LEU A 35 5.55 13.65 10.26
CA LEU A 35 5.68 13.32 8.85
C LEU A 35 6.48 14.45 8.22
N ASP A 36 7.66 14.16 7.65
CA ASP A 36 8.49 15.23 7.08
C ASP A 36 8.15 15.46 5.59
N GLU A 37 8.75 16.49 5.00
CA GLU A 37 8.50 16.85 3.61
C GLU A 37 8.91 15.74 2.66
N SER A 38 9.86 14.85 3.04
CA SER A 38 10.24 13.74 2.17
C SER A 38 9.31 12.50 2.29
N GLY A 39 8.23 12.61 3.07
CA GLY A 39 7.30 11.49 3.20
C GLY A 39 7.78 10.45 4.21
N ASP A 40 8.74 10.79 5.05
CA ASP A 40 9.21 9.86 6.08
C ASP A 40 8.46 10.09 7.39
N PHE A 41 7.92 9.02 7.98
CA PHE A 41 7.34 9.08 9.31
C PHE A 41 8.45 8.86 10.35
N SER A 42 8.34 9.52 11.50
CA SER A 42 9.27 9.31 12.61
C SER A 42 8.50 9.38 13.95
N LEU A 43 9.00 8.73 15.01
CA LEU A 43 8.34 8.77 16.32
C LEU A 43 8.62 10.09 17.03
N VAL A 44 7.62 10.64 17.72
CA VAL A 44 7.80 11.86 18.50
C VAL A 44 7.87 11.44 19.96
N GLU A 45 8.95 11.78 20.67
CA GLU A 45 9.07 11.39 22.08
C GLU A 45 9.27 12.58 23.00
N GLY B 7 -2.00 -3.76 -22.49
CA GLY B 7 -1.76 -4.77 -21.47
C GLY B 7 -2.98 -5.15 -20.64
N GLU B 8 -2.76 -5.77 -19.47
CA GLU B 8 -3.87 -6.17 -18.61
C GLU B 8 -4.44 -5.01 -17.80
N THR B 9 -5.71 -4.74 -18.04
CA THR B 9 -6.46 -3.65 -17.44
C THR B 9 -7.48 -4.16 -16.42
N THR B 10 -7.58 -5.48 -16.22
CA THR B 10 -8.50 -6.06 -15.25
C THR B 10 -8.22 -5.51 -13.86
N ASP B 11 -9.27 -5.17 -13.13
CA ASP B 11 -9.21 -4.72 -11.75
C ASP B 11 -8.51 -5.84 -10.93
N GLY B 12 -7.84 -5.43 -9.88
CA GLY B 12 -7.20 -6.35 -8.95
C GLY B 12 -5.87 -5.87 -8.43
N VAL B 13 -5.19 -6.73 -7.71
CA VAL B 13 -3.89 -6.46 -7.13
C VAL B 13 -2.78 -7.00 -8.02
N TYR B 14 -1.70 -6.20 -8.20
CA TYR B 14 -0.60 -6.58 -9.11
C TYR B 14 0.76 -6.41 -8.44
N ARG B 15 1.73 -7.25 -8.85
CA ARG B 15 3.11 -7.07 -8.39
C ARG B 15 3.76 -6.03 -9.33
N VAL B 16 4.70 -5.26 -8.82
CA VAL B 16 5.50 -4.32 -9.61
C VAL B 16 6.92 -4.90 -9.60
N MET B 17 7.40 -5.28 -10.78
CA MET B 17 8.67 -5.97 -10.98
C MET B 17 9.68 -5.13 -11.74
N THR B 18 10.97 -5.46 -11.59
CA THR B 18 12.02 -4.86 -12.41
C THR B 18 13.02 -5.92 -12.81
N ARG B 19 13.62 -5.72 -13.97
CA ARG B 19 14.73 -6.55 -14.41
C ARG B 19 16.08 -5.79 -14.36
N ARG B 20 16.13 -4.58 -13.76
CA ARG B 20 17.36 -3.76 -13.65
C ARG B 20 18.39 -4.43 -12.75
N LEU B 21 17.95 -5.07 -11.67
CA LEU B 21 18.82 -5.76 -10.71
C LEU B 21 19.07 -7.25 -11.15
N LEU B 22 19.55 -8.09 -10.22
CA LEU B 22 19.76 -9.49 -10.48
C LEU B 22 18.38 -10.17 -10.73
N GLY B 23 18.29 -11.03 -11.75
CA GLY B 23 17.05 -11.70 -12.14
C GLY B 23 15.83 -10.76 -12.25
N SER B 24 14.67 -11.24 -11.80
CA SER B 24 13.45 -10.43 -11.82
C SER B 24 13.14 -10.20 -10.36
N THR B 25 13.09 -8.95 -10.00
CA THR B 25 12.91 -8.54 -8.61
C THR B 25 11.61 -7.79 -8.37
N GLN B 26 10.89 -8.19 -7.30
CA GLN B 26 9.66 -7.49 -6.95
C GLN B 26 9.97 -6.27 -6.05
N VAL B 27 9.72 -5.07 -6.58
CA VAL B 27 9.96 -3.84 -5.80
C VAL B 27 8.72 -3.30 -5.07
N GLY B 28 7.54 -3.78 -5.44
CA GLY B 28 6.33 -3.39 -4.73
C GLY B 28 5.09 -4.02 -5.31
N VAL B 29 3.96 -3.43 -5.00
CA VAL B 29 2.60 -3.91 -5.32
C VAL B 29 1.68 -2.71 -5.58
N GLY B 30 0.60 -2.94 -6.32
CA GLY B 30 -0.36 -1.88 -6.57
C GLY B 30 -1.75 -2.38 -6.88
N VAL B 31 -2.69 -1.45 -7.01
CA VAL B 31 -4.10 -1.70 -7.24
C VAL B 31 -4.62 -1.12 -8.55
N MET B 32 -5.25 -1.94 -9.40
CA MET B 32 -5.86 -1.48 -10.64
C MET B 32 -7.36 -1.37 -10.32
N GLN B 33 -7.91 -0.17 -10.49
CA GLN B 33 -9.30 0.10 -10.24
C GLN B 33 -9.78 1.19 -11.16
N GLU B 34 -10.86 0.94 -11.91
CA GLU B 34 -11.46 1.93 -12.82
C GLU B 34 -10.47 2.46 -13.87
N GLY B 35 -9.64 1.58 -14.38
CA GLY B 35 -8.66 1.89 -15.41
C GLY B 35 -7.42 2.61 -14.94
N VAL B 36 -7.27 2.79 -13.59
CA VAL B 36 -6.12 3.51 -13.01
C VAL B 36 -5.27 2.57 -12.10
N PHE B 37 -3.92 2.68 -12.24
CA PHE B 37 -3.01 1.89 -11.41
C PHE B 37 -2.51 2.73 -10.24
N HIS B 38 -2.64 2.22 -9.05
CA HIS B 38 -2.35 2.98 -7.81
C HIS B 38 -1.23 2.28 -7.04
N THR B 39 -0.19 3.02 -6.68
CA THR B 39 0.90 2.41 -5.87
C THR B 39 1.55 3.47 -5.00
N MET B 40 2.63 3.10 -4.24
CA MET B 40 3.27 4.12 -3.42
C MET B 40 4.39 4.74 -4.24
N TRP B 41 4.64 6.05 -4.06
N TRP B 41 4.65 6.05 -4.05
N TRP B 41 4.64 6.05 -4.06
N TRP B 41 4.65 6.05 -4.05
CA TRP B 41 5.69 6.73 -4.81
CA TRP B 41 5.69 6.74 -4.79
CA TRP B 41 5.69 6.73 -4.81
CA TRP B 41 5.69 6.74 -4.79
C TRP B 41 7.06 6.08 -4.64
C TRP B 41 7.06 6.07 -4.64
C TRP B 41 7.06 6.08 -4.64
C TRP B 41 7.06 6.07 -4.64
N HIS B 42 7.43 5.65 -3.42
CA HIS B 42 8.75 5.05 -3.20
C HIS B 42 8.98 3.72 -3.95
N VAL B 43 7.89 3.09 -4.45
CA VAL B 43 8.03 1.83 -5.22
C VAL B 43 8.55 2.13 -6.64
N THR B 44 7.94 3.14 -7.33
CA THR B 44 8.32 3.40 -8.72
C THR B 44 9.17 4.64 -8.95
N LYS B 45 9.26 5.50 -7.93
CA LYS B 45 9.92 6.82 -8.04
C LYS B 45 9.31 7.65 -9.21
N GLY B 46 8.08 7.35 -9.58
CA GLY B 46 7.38 8.07 -10.65
C GLY B 46 7.74 7.61 -12.05
N ALA B 47 8.47 6.48 -12.19
CA ALA B 47 8.84 5.99 -13.53
C ALA B 47 7.62 5.41 -14.29
N ALA B 48 7.70 5.33 -15.64
CA ALA B 48 6.65 4.66 -16.42
C ALA B 48 6.69 3.15 -16.13
N LEU B 49 5.57 2.45 -16.38
CA LEU B 49 5.46 1.02 -16.15
C LEU B 49 5.00 0.35 -17.45
N ARG B 50 5.32 -0.92 -17.57
CA ARG B 50 4.91 -1.75 -18.71
C ARG B 50 3.84 -2.74 -18.21
N SER B 51 2.85 -3.01 -19.04
CA SER B 51 1.82 -4.01 -18.74
C SER B 51 1.71 -4.79 -20.06
N GLY B 52 2.41 -5.92 -20.15
CA GLY B 52 2.47 -6.70 -21.39
C GLY B 52 3.19 -5.89 -22.45
N GLU B 53 2.52 -5.61 -23.57
CA GLU B 53 3.08 -4.75 -24.61
C GLU B 53 2.71 -3.26 -24.43
N GLY B 54 1.88 -2.92 -23.44
CA GLY B 54 1.42 -1.56 -23.24
C GLY B 54 2.20 -0.77 -22.18
N ARG B 55 2.06 0.55 -22.21
CA ARG B 55 2.75 1.42 -21.29
C ARG B 55 1.73 2.18 -20.40
N LEU B 56 2.07 2.33 -19.12
CA LEU B 56 1.28 3.08 -18.16
C LEU B 56 2.12 4.28 -17.76
N ASP B 57 1.61 5.47 -18.03
CA ASP B 57 2.34 6.68 -17.71
C ASP B 57 1.81 7.26 -16.39
N PRO B 58 2.68 7.89 -15.59
CA PRO B 58 2.19 8.53 -14.36
C PRO B 58 1.25 9.68 -14.71
N TYR B 59 0.27 9.87 -13.81
CA TYR B 59 -0.74 10.90 -13.99
C TYR B 59 -0.78 11.87 -12.79
N TRP B 60 -0.65 11.37 -11.60
CA TRP B 60 -0.60 12.21 -10.40
C TRP B 60 0.40 11.53 -9.44
N GLY B 61 1.06 12.34 -8.63
CA GLY B 61 1.93 11.80 -7.58
C GLY B 61 2.30 12.86 -6.56
N ASP B 62 2.68 12.38 -5.38
CA ASP B 62 3.07 13.27 -4.29
C ASP B 62 4.02 12.57 -3.35
N VAL B 63 5.27 13.04 -3.29
CA VAL B 63 6.30 12.40 -2.43
C VAL B 63 5.90 12.38 -0.93
N LYS B 64 5.29 13.51 -0.46
CA LYS B 64 4.95 13.59 0.99
C LYS B 64 3.85 12.58 1.40
N GLN B 65 2.82 12.47 0.55
CA GLN B 65 1.79 11.43 0.75
C GLN B 65 2.34 10.03 0.43
N ASP B 66 3.43 9.96 -0.36
CA ASP B 66 4.08 8.75 -0.82
C ASP B 66 3.07 7.92 -1.66
N LEU B 67 2.41 8.60 -2.61
CA LEU B 67 1.44 7.95 -3.50
C LEU B 67 1.62 8.36 -4.95
N VAL B 68 1.14 7.52 -5.87
CA VAL B 68 1.23 7.79 -7.32
C VAL B 68 0.09 7.03 -8.02
N SER B 69 -0.49 7.67 -9.03
CA SER B 69 -1.50 7.02 -9.89
C SER B 69 -1.03 7.09 -11.38
N TYR B 70 -1.43 6.09 -12.14
CA TYR B 70 -1.07 5.92 -13.57
C TYR B 70 -2.37 5.83 -14.40
N CYS B 71 -2.36 6.43 -15.63
CA CYS B 71 -3.48 6.43 -16.59
C CYS B 71 -4.65 7.32 -16.23
N GLY B 72 -4.70 7.80 -15.01
CA GLY B 72 -5.80 8.66 -14.57
C GLY B 72 -5.63 9.09 -13.15
N PRO B 73 -6.61 9.88 -12.64
CA PRO B 73 -6.50 10.40 -11.28
C PRO B 73 -6.76 9.32 -10.23
N TRP B 74 -6.30 9.55 -9.01
CA TRP B 74 -6.46 8.60 -7.88
C TRP B 74 -7.96 8.30 -7.70
N LYS B 75 -8.33 7.02 -7.68
CA LYS B 75 -9.75 6.63 -7.62
C LYS B 75 -10.21 6.08 -6.27
N LEU B 76 -9.26 5.73 -5.39
CA LEU B 76 -9.60 5.05 -4.13
C LEU B 76 -10.00 6.07 -3.07
N ASP B 77 -11.24 5.94 -2.54
CA ASP B 77 -11.68 6.93 -1.54
C ASP B 77 -12.28 6.36 -0.28
N ALA B 78 -12.30 5.02 -0.14
CA ALA B 78 -12.83 4.48 1.12
C ALA B 78 -11.90 4.78 2.27
N ALA B 79 -12.49 4.90 3.49
CA ALA B 79 -11.73 5.24 4.66
C ALA B 79 -11.96 4.24 5.76
N TRP B 80 -10.94 3.99 6.60
CA TRP B 80 -11.14 3.14 7.80
C TRP B 80 -12.19 3.85 8.72
N ASP B 81 -13.15 3.05 9.27
CA ASP B 81 -14.19 3.62 10.13
C ASP B 81 -13.69 3.97 11.56
N GLY B 82 -12.46 3.58 11.91
CA GLY B 82 -11.88 3.89 13.22
C GLY B 82 -12.25 2.88 14.32
N LEU B 83 -13.02 1.84 13.98
CA LEU B 83 -13.47 0.85 15.00
C LEU B 83 -13.22 -0.62 14.61
N SER B 84 -13.42 -0.96 13.34
CA SER B 84 -13.41 -2.34 12.86
C SER B 84 -12.08 -2.91 12.40
N GLU B 85 -11.95 -4.22 12.46
CA GLU B 85 -10.79 -4.92 11.93
C GLU B 85 -10.79 -4.75 10.38
N VAL B 86 -9.62 -4.78 9.81
CA VAL B 86 -9.43 -4.65 8.36
C VAL B 86 -8.60 -5.83 7.91
N GLN B 87 -8.36 -5.97 6.57
CA GLN B 87 -7.50 -7.01 6.09
C GLN B 87 -6.39 -6.41 5.23
N LEU B 88 -5.14 -6.79 5.49
CA LEU B 88 -4.06 -6.49 4.58
C LEU B 88 -4.07 -7.62 3.52
N LEU B 89 -4.16 -7.28 2.24
CA LEU B 89 -4.06 -8.25 1.18
C LEU B 89 -2.61 -8.21 0.79
N ALA B 90 -1.77 -8.89 1.58
CA ALA B 90 -0.32 -8.93 1.40
C ALA B 90 0.07 -9.71 0.15
N VAL B 91 0.92 -9.12 -0.70
CA VAL B 91 1.47 -9.78 -1.87
C VAL B 91 3.01 -9.77 -1.73
N PRO B 92 3.58 -10.73 -0.98
CA PRO B 92 5.05 -10.75 -0.77
C PRO B 92 5.84 -11.25 -1.98
N PRO B 93 7.12 -10.86 -2.11
CA PRO B 93 7.92 -11.31 -3.27
C PRO B 93 8.02 -12.83 -3.38
N GLY B 94 7.71 -13.40 -4.55
CA GLY B 94 7.77 -14.83 -4.82
C GLY B 94 6.75 -15.69 -4.11
N GLU B 95 5.78 -15.06 -3.43
CA GLU B 95 4.77 -15.79 -2.65
C GLU B 95 3.34 -15.40 -3.04
N ARG B 96 2.38 -16.30 -2.84
CA ARG B 96 0.97 -16.06 -3.17
C ARG B 96 0.33 -14.96 -2.34
N ALA B 97 -0.64 -14.20 -2.95
CA ALA B 97 -1.43 -13.18 -2.23
C ALA B 97 -2.15 -13.85 -1.07
N LYS B 98 -2.13 -13.21 0.11
CA LYS B 98 -2.71 -13.75 1.34
C LYS B 98 -3.33 -12.64 2.14
N ASN B 99 -4.54 -12.87 2.67
CA ASN B 99 -5.25 -11.92 3.51
C ASN B 99 -4.91 -12.09 4.98
N ILE B 100 -4.58 -10.99 5.66
CA ILE B 100 -4.28 -10.98 7.09
C ILE B 100 -5.21 -10.01 7.75
N GLN B 101 -6.00 -10.46 8.73
CA GLN B 101 -6.95 -9.62 9.43
C GLN B 101 -6.31 -9.01 10.68
N THR B 102 -6.60 -7.74 10.98
CA THR B 102 -5.97 -7.07 12.11
C THR B 102 -6.82 -5.90 12.56
N LEU B 103 -6.70 -5.47 13.83
CA LEU B 103 -7.35 -4.24 14.29
C LEU B 103 -6.29 -3.16 14.20
N PRO B 104 -6.51 -2.10 13.36
CA PRO B 104 -5.49 -1.07 13.26
C PRO B 104 -5.31 -0.33 14.56
N GLY B 105 -4.10 0.17 14.74
CA GLY B 105 -3.72 1.15 15.75
C GLY B 105 -3.86 2.53 15.13
N ILE B 106 -3.24 3.54 15.76
CA ILE B 106 -3.35 4.92 15.29
C ILE B 106 -2.01 5.60 15.21
N PHE B 107 -1.78 6.39 14.18
CA PHE B 107 -0.68 7.35 14.15
C PHE B 107 -1.33 8.71 14.53
N LYS B 108 -0.90 9.36 15.65
CA LYS B 108 -1.40 10.66 16.04
C LYS B 108 -0.42 11.70 15.54
N THR B 109 -0.86 12.63 14.71
CA THR B 109 0.05 13.66 14.20
C THR B 109 -0.48 15.05 14.53
N LYS B 110 0.34 16.08 14.30
CA LYS B 110 -0.08 17.47 14.54
C LYS B 110 -1.26 17.89 13.61
N ASP B 111 -1.43 17.17 12.49
CA ASP B 111 -2.46 17.42 11.49
C ASP B 111 -3.60 16.41 11.51
N GLY B 112 -3.73 15.63 12.58
CA GLY B 112 -4.79 14.64 12.68
C GLY B 112 -4.26 13.22 12.80
N ASP B 113 -5.19 12.30 13.05
CA ASP B 113 -4.90 10.90 13.27
C ASP B 113 -5.13 10.04 12.01
N ILE B 114 -4.31 9.01 11.84
CA ILE B 114 -4.37 8.09 10.70
C ILE B 114 -4.36 6.66 11.26
N GLY B 115 -5.09 5.72 10.64
CA GLY B 115 -5.01 4.32 11.05
C GLY B 115 -3.63 3.77 10.73
N ALA B 116 -3.20 2.73 11.43
CA ALA B 116 -1.90 2.13 11.21
C ALA B 116 -1.99 0.63 11.45
N VAL B 117 -1.28 -0.18 10.65
N VAL B 117 -1.28 -0.18 10.65
CA VAL B 117 -1.31 -1.63 10.80
CA VAL B 117 -1.31 -1.63 10.80
C VAL B 117 0.04 -2.20 11.22
C VAL B 117 0.04 -2.20 11.22
N ALA B 118 0.06 -2.98 12.32
CA ALA B 118 1.30 -3.50 12.85
C ALA B 118 1.60 -4.90 12.36
N LEU B 119 2.01 -4.97 11.08
CA LEU B 119 2.32 -6.20 10.36
C LEU B 119 3.65 -6.00 9.63
N ASP B 120 4.54 -7.00 9.70
CA ASP B 120 5.88 -6.89 9.14
C ASP B 120 6.11 -7.81 7.93
N TYR B 121 6.21 -7.19 6.73
CA TYR B 121 6.46 -7.93 5.50
C TYR B 121 7.72 -7.38 4.77
N PRO B 122 8.31 -8.13 3.81
CA PRO B 122 9.48 -7.61 3.08
C PRO B 122 9.18 -6.26 2.39
N ALA B 123 10.20 -5.39 2.19
CA ALA B 123 10.03 -4.07 1.54
C ALA B 123 9.26 -4.16 0.19
N GLY B 124 9.45 -5.25 -0.53
CA GLY B 124 8.79 -5.48 -1.81
C GLY B 124 7.28 -5.68 -1.73
N THR B 125 6.73 -5.71 -0.51
CA THR B 125 5.29 -5.83 -0.27
C THR B 125 4.62 -4.43 -0.24
N SER B 126 5.44 -3.37 -0.24
CA SER B 126 4.89 -1.97 -0.26
C SER B 126 3.91 -1.76 -1.40
N GLY B 127 2.78 -1.10 -1.11
CA GLY B 127 1.70 -0.89 -2.09
C GLY B 127 0.60 -1.92 -1.96
N SER B 128 0.79 -2.95 -1.07
CA SER B 128 -0.29 -3.94 -0.90
C SER B 128 -1.53 -3.22 -0.30
N PRO B 129 -2.73 -3.56 -0.80
CA PRO B 129 -3.93 -2.87 -0.30
C PRO B 129 -4.45 -3.34 1.04
N ILE B 130 -5.00 -2.40 1.80
CA ILE B 130 -5.68 -2.70 3.08
C ILE B 130 -7.17 -2.50 2.76
N LEU B 131 -8.02 -3.48 3.11
CA LEU B 131 -9.45 -3.47 2.75
C LEU B 131 -10.39 -3.46 3.97
N ASP B 132 -11.60 -2.92 3.76
CA ASP B 132 -12.65 -3.03 4.76
C ASP B 132 -13.50 -4.28 4.48
N LYS B 133 -14.56 -4.51 5.31
CA LYS B 133 -15.40 -5.72 5.16
C LYS B 133 -16.22 -5.80 3.88
N CYS B 134 -16.38 -4.66 3.16
CA CYS B 134 -17.01 -4.64 1.83
C CYS B 134 -16.03 -4.87 0.68
N GLY B 135 -14.75 -5.10 0.99
CA GLY B 135 -13.74 -5.32 -0.02
C GLY B 135 -13.21 -4.03 -0.64
N ARG B 136 -13.54 -2.87 -0.05
CA ARG B 136 -13.06 -1.58 -0.58
C ARG B 136 -11.66 -1.27 -0.07
N VAL B 137 -10.81 -0.66 -0.94
CA VAL B 137 -9.46 -0.37 -0.52
C VAL B 137 -9.44 0.92 0.26
N ILE B 138 -9.11 0.84 1.55
CA ILE B 138 -9.06 2.01 2.43
C ILE B 138 -7.68 2.67 2.51
N GLY B 139 -6.69 2.09 1.84
CA GLY B 139 -5.33 2.64 1.75
C GLY B 139 -4.33 1.57 1.33
N LEU B 140 -3.06 2.00 1.22
CA LEU B 140 -1.95 1.11 0.85
C LEU B 140 -0.93 0.99 2.00
N TYR B 141 -0.36 -0.20 2.13
CA TYR B 141 0.57 -0.55 3.16
C TYR B 141 1.97 -0.30 2.68
N GLY B 142 2.86 0.22 3.53
CA GLY B 142 4.25 0.33 3.15
C GLY B 142 4.99 1.60 3.46
N ASN B 143 4.32 2.59 4.12
CA ASN B 143 5.01 3.78 4.56
C ASN B 143 4.69 3.90 6.05
N GLY B 144 5.73 3.77 6.87
CA GLY B 144 5.53 3.72 8.31
C GLY B 144 6.76 3.97 9.13
N VAL B 145 6.86 3.27 10.31
CA VAL B 145 7.94 3.57 11.22
C VAL B 145 8.41 2.31 11.97
N VAL B 146 9.56 2.41 12.64
CA VAL B 146 10.07 1.29 13.43
C VAL B 146 10.01 1.73 14.87
N ILE B 147 9.21 1.02 15.71
CA ILE B 147 8.99 1.43 17.10
C ILE B 147 10.03 0.84 18.08
N LYS B 148 10.04 1.31 19.35
CA LYS B 148 10.98 0.90 20.43
C LYS B 148 11.50 -0.54 20.35
N ASN B 149 10.61 -1.54 20.41
CA ASN B 149 10.99 -2.96 20.38
C ASN B 149 11.44 -3.49 19.00
N GLY B 150 11.78 -2.59 18.10
CA GLY B 150 12.20 -2.91 16.72
C GLY B 150 11.12 -3.34 15.74
N SER B 151 9.83 -3.26 16.13
N SER B 151 9.83 -3.26 16.13
CA SER B 151 8.74 -3.69 15.24
CA SER B 151 8.74 -3.69 15.24
C SER B 151 8.31 -2.65 14.20
C SER B 151 8.31 -2.65 14.20
N TYR B 152 7.81 -3.12 13.04
CA TYR B 152 7.33 -2.24 11.93
C TYR B 152 5.82 -1.94 12.00
N VAL B 153 5.43 -0.65 11.89
CA VAL B 153 4.03 -0.29 11.88
C VAL B 153 3.82 0.61 10.65
N SER B 154 2.92 0.18 9.76
CA SER B 154 2.65 0.96 8.54
C SER B 154 1.46 1.90 8.70
N ALA B 155 1.50 3.13 8.17
CA ALA B 155 0.29 3.96 8.10
C ALA B 155 -0.68 3.26 7.12
N ILE B 156 -2.00 3.51 7.28
CA ILE B 156 -2.95 3.14 6.25
C ILE B 156 -2.98 4.42 5.36
N THR B 157 -2.22 4.40 4.22
CA THR B 157 -2.09 5.63 3.41
C THR B 157 -3.16 5.68 2.33
N GLN B 158 -4.02 6.72 2.37
CA GLN B 158 -5.07 6.83 1.36
C GLN B 158 -4.94 8.22 0.64
N GLY B 159 -5.26 8.22 -0.65
CA GLY B 159 -5.21 9.43 -1.46
C GLY B 159 -6.56 10.11 -1.52
N LYS B 160 -6.63 11.26 -2.18
CA LYS B 160 -7.89 12.00 -2.32
C LYS B 160 -8.46 11.73 -3.71
N ARG B 161 -9.77 11.47 -3.79
CA ARG B 161 -10.42 11.32 -5.08
C ARG B 161 -10.99 12.70 -5.43
N GLU B 162 -10.39 13.41 -6.41
CA GLU B 162 -10.81 14.76 -6.81
C GLU B 162 -12.22 14.78 -7.39
S DMS C . 9.28 6.61 1.99
O DMS C . 8.83 8.04 1.85
C1 DMS C . 10.87 6.48 1.12
C2 DMS C . 9.98 6.41 3.65
S DMS D . 11.99 9.00 -13.18
O DMS D . 10.58 9.49 -12.96
C1 DMS D . 12.05 7.67 -14.40
C2 DMS D . 12.45 7.88 -11.83
C4 A1BG6 E . 7.67 -2.39 4.42
C5 A1BG6 E . 8.25 -1.23 3.95
BR A1BG6 E . 6.04 -2.96 3.63
C3 A1BG6 E . 8.25 -3.12 5.42
C2 A1BG6 E . 9.45 -2.69 5.94
C1 A1BG6 E . 10.03 -1.53 5.45
N A1BG6 E . 9.42 -0.83 4.48
C A1BG6 E . 10.05 0.41 3.97
#